data_7XZU
#
_entry.id   7XZU
#
_cell.length_a   67.402
_cell.length_b   67.402
_cell.length_c   140.766
_cell.angle_alpha   90.000
_cell.angle_beta   90.000
_cell.angle_gamma   90.000
#
_symmetry.space_group_name_H-M   'P 41 21 2'
#
loop_
_entity.id
_entity.type
_entity.pdbx_description
1 polymer 'Ricin A chain'
2 non-polymer '(2S)-2-[(2-azanyl-4-oxidanylidene-3H-pteridin-7-yl)carbonylamino]-3-phenyl-propanoic acid'
3 non-polymer 'SULFATE ION'
4 water water
#
_entity_poly.entity_id   1
_entity_poly.type   'polypeptide(L)'
_entity_poly.pdbx_seq_one_letter_code
;MHHHHHHIFPKQYPIINFTTAGATVQSYTNFIRAVRGRLTTGADVRHEIPVLPNRVGLPINQRFILVELSNHAELSVTLA
LDVTNAYVVGYRAGNSAYFFHPDNQEDAEAITHLFTDVQNRYTFAFGGNYDRLEQLAGNLRENIELGNGPLEEAISALYY
YSTGGTQLPTLARSFIICIQMISEAARFQYIEGEMRTRIRYNRRSAPDPSVITLENSWGRLSTAIQESNQGAFASPIQLQ
RRNGSKFSVYDVSILIPIIALMVYRCAPPPSSQF
;
_entity_poly.pdbx_strand_id   A
#
loop_
_chem_comp.id
_chem_comp.type
_chem_comp.name
_chem_comp.formula
IEK non-polymer '(2S)-2-[(2-azanyl-4-oxidanylidene-3H-pteridin-7-yl)carbonylamino]-3-phenyl-propanoic acid' 'C16 H14 N6 O4'
SO4 non-polymer 'SULFATE ION' 'O4 S -2'
#
# COMPACT_ATOMS: atom_id res chain seq x y z
N GLN A 12 10.81 -14.57 -10.98
CA GLN A 12 11.61 -13.40 -11.44
C GLN A 12 11.54 -12.25 -10.42
N TYR A 13 10.33 -11.75 -10.17
CA TYR A 13 10.13 -10.64 -9.24
C TYR A 13 10.41 -11.06 -7.80
N PRO A 14 11.02 -10.16 -7.00
CA PRO A 14 11.30 -10.44 -5.58
C PRO A 14 10.03 -10.72 -4.79
N ILE A 15 10.14 -11.64 -3.85
CA ILE A 15 9.03 -12.02 -2.98
C ILE A 15 9.41 -11.66 -1.53
N ILE A 16 8.48 -11.01 -0.85
CA ILE A 16 8.58 -10.77 0.59
C ILE A 16 7.43 -11.52 1.26
N ASN A 17 7.77 -12.29 2.31
CA ASN A 17 6.78 -13.07 3.06
C ASN A 17 6.41 -12.42 4.38
N PHE A 18 5.12 -12.45 4.69
CA PHE A 18 4.61 -12.04 6.00
C PHE A 18 3.47 -12.95 6.39
N THR A 19 3.42 -13.32 7.67
CA THR A 19 2.26 -14.02 8.20
C THR A 19 1.61 -13.30 9.36
N THR A 20 0.28 -13.31 9.37
CA THR A 20 -0.50 -12.79 10.49
C THR A 20 -0.50 -13.77 11.67
N ALA A 21 -0.14 -15.02 11.40
CA ALA A 21 -0.07 -16.07 12.42
C ALA A 21 1.05 -15.73 13.41
N GLY A 22 0.66 -15.43 14.65
CA GLY A 22 1.60 -15.04 15.71
C GLY A 22 2.41 -13.79 15.41
N ALA A 23 1.85 -12.90 14.58
CA ALA A 23 2.55 -11.67 14.21
C ALA A 23 2.82 -10.82 15.45
N THR A 24 3.98 -10.20 15.46
CA THR A 24 4.39 -9.30 16.54
C THR A 24 4.80 -7.97 15.94
N VAL A 25 5.01 -6.98 16.81
CA VAL A 25 5.54 -5.68 16.38
C VAL A 25 6.82 -5.89 15.58
N GLN A 26 7.73 -6.71 16.10
CA GLN A 26 9.01 -6.98 15.45
C GLN A 26 8.86 -7.65 14.08
N SER A 27 8.02 -8.67 13.98
CA SER A 27 7.86 -9.38 12.70
C SER A 27 7.22 -8.47 11.63
N TYR A 28 6.27 -7.64 12.06
CA TYR A 28 5.66 -6.67 11.15
C TYR A 28 6.65 -5.59 10.72
N THR A 29 7.45 -5.12 11.68
CA THR A 29 8.48 -4.11 11.41
C THR A 29 9.49 -4.65 10.39
N ASN A 30 9.95 -5.89 10.60
CA ASN A 30 10.86 -6.55 9.65
C ASN A 30 10.27 -6.63 8.25
N PHE A 31 8.98 -6.94 8.19
CA PHE A 31 8.24 -7.07 6.93
C PHE A 31 8.18 -5.74 6.19
N ILE A 32 7.71 -4.69 6.85
CA ILE A 32 7.62 -3.37 6.21
C ILE A 32 8.99 -2.86 5.76
N ARG A 33 10.02 -3.04 6.58
CA ARG A 33 11.40 -2.72 6.19
C ARG A 33 11.86 -3.46 4.94
N ALA A 34 11.55 -4.75 4.85
CA ALA A 34 11.87 -5.56 3.69
C ALA A 34 11.14 -5.08 2.44
N VAL A 35 9.85 -4.73 2.60
CA VAL A 35 9.06 -4.18 1.49
C VAL A 35 9.69 -2.89 0.96
N ARG A 36 10.00 -1.96 1.87
CA ARG A 36 10.64 -0.69 1.50
C ARG A 36 11.96 -0.93 0.76
N GLY A 37 12.73 -1.91 1.24
CA GLY A 37 14.02 -2.27 0.67
C GLY A 37 13.93 -2.77 -0.76
N ARG A 38 12.82 -3.43 -1.08
CA ARG A 38 12.57 -3.95 -2.43
C ARG A 38 11.87 -2.94 -3.34
N LEU A 39 11.22 -1.95 -2.73
CA LEU A 39 10.57 -0.88 -3.49
C LEU A 39 11.56 0.17 -3.98
N THR A 40 12.47 0.58 -3.10
CA THR A 40 13.47 1.63 -3.40
C THR A 40 14.86 1.06 -3.62
N THR A 41 15.61 1.72 -4.51
CA THR A 41 16.95 1.30 -4.92
C THR A 41 18.06 2.00 -4.11
N GLY A 42 17.71 3.09 -3.45
CA GLY A 42 18.68 3.95 -2.76
C GLY A 42 19.28 5.04 -3.65
N ALA A 43 18.89 5.04 -4.93
CA ALA A 43 19.38 6.01 -5.92
C ALA A 43 18.90 7.44 -5.65
N ASP A 44 17.73 7.56 -5.05
CA ASP A 44 17.02 8.83 -4.96
C ASP A 44 16.56 9.10 -3.54
N VAL A 45 17.24 10.01 -2.85
CA VAL A 45 16.89 10.42 -1.50
C VAL A 45 16.91 11.94 -1.45
N ARG A 46 15.77 12.53 -1.08
CA ARG A 46 15.64 13.98 -1.06
C ARG A 46 15.12 14.46 0.29
N HIS A 47 15.89 15.35 0.92
CA HIS A 47 15.62 15.82 2.28
C HIS A 47 15.44 14.66 3.26
N GLU A 48 16.29 13.65 3.11
CA GLU A 48 16.32 12.42 3.94
C GLU A 48 15.17 11.45 3.65
N ILE A 49 14.37 11.74 2.62
CA ILE A 49 13.23 10.89 2.26
C ILE A 49 13.46 10.19 0.92
N PRO A 50 13.49 8.84 0.91
CA PRO A 50 13.65 8.08 -0.34
C PRO A 50 12.51 8.29 -1.33
N VAL A 51 12.86 8.28 -2.60
CA VAL A 51 11.90 8.38 -3.69
C VAL A 51 11.88 7.06 -4.43
N LEU A 52 10.69 6.60 -4.79
CA LEU A 52 10.49 5.39 -5.58
C LEU A 52 11.02 5.57 -7.02
N PRO A 53 11.35 4.45 -7.71
CA PRO A 53 11.88 4.54 -9.08
C PRO A 53 10.94 5.30 -10.00
N ASN A 54 11.53 6.11 -10.88
CA ASN A 54 10.81 6.77 -11.96
C ASN A 54 10.24 5.74 -12.92
N ARG A 55 8.94 5.85 -13.19
CA ARG A 55 8.25 5.00 -14.17
C ARG A 55 8.88 5.08 -15.57
N VAL A 56 9.31 6.30 -15.94
CA VAL A 56 9.85 6.57 -17.28
C VAL A 56 11.17 5.81 -17.49
N GLY A 57 11.15 4.90 -18.45
CA GLY A 57 12.30 4.07 -18.81
C GLY A 57 12.61 2.92 -17.89
N LEU A 58 11.76 2.68 -16.88
CA LEU A 58 11.96 1.57 -15.95
C LEU A 58 11.69 0.23 -16.66
N PRO A 59 12.69 -0.67 -16.71
CA PRO A 59 12.52 -1.94 -17.41
C PRO A 59 11.48 -2.83 -16.71
N ILE A 60 10.73 -3.58 -17.51
CA ILE A 60 9.63 -4.43 -17.02
C ILE A 60 10.07 -5.48 -16.00
N ASN A 61 11.31 -5.98 -16.13
CA ASN A 61 11.86 -6.96 -15.19
C ASN A 61 12.13 -6.41 -13.78
N GLN A 62 11.96 -5.09 -13.63
CA GLN A 62 12.18 -4.42 -12.35
C GLN A 62 10.93 -3.70 -11.87
N ARG A 63 9.78 -3.98 -12.49
CA ARG A 63 8.57 -3.18 -12.28
C ARG A 63 7.75 -3.57 -11.04
N PHE A 64 7.85 -4.82 -10.61
CA PHE A 64 7.00 -5.35 -9.56
C PHE A 64 7.75 -6.04 -8.43
N ILE A 65 7.11 -6.04 -7.26
CA ILE A 65 7.48 -6.93 -6.15
C ILE A 65 6.25 -7.73 -5.74
N LEU A 66 6.48 -8.88 -5.12
CA LEU A 66 5.43 -9.77 -4.69
C LEU A 66 5.43 -9.84 -3.18
N VAL A 67 4.24 -9.73 -2.59
CA VAL A 67 4.08 -9.81 -1.15
C VAL A 67 3.20 -11.03 -0.89
N GLU A 68 3.83 -12.09 -0.36
CA GLU A 68 3.11 -13.32 -0.06
C GLU A 68 2.63 -13.28 1.38
N LEU A 69 1.31 -13.24 1.54
CA LEU A 69 0.67 -13.16 2.84
C LEU A 69 0.11 -14.51 3.22
N SER A 70 0.54 -15.00 4.38
CA SER A 70 -0.01 -16.22 4.97
C SER A 70 -0.76 -15.88 6.25
N ASN A 71 -1.66 -16.77 6.65
CA ASN A 71 -2.40 -16.56 7.89
C ASN A 71 -2.48 -17.82 8.78
N HIS A 72 -3.05 -17.65 9.97
CA HIS A 72 -3.19 -18.75 10.93
C HIS A 72 -4.07 -19.88 10.38
N ALA A 73 -5.01 -19.53 9.50
CA ALA A 73 -5.87 -20.51 8.80
C ALA A 73 -5.12 -21.37 7.77
N GLU A 74 -3.79 -21.22 7.69
CA GLU A 74 -2.91 -21.93 6.75
C GLU A 74 -3.23 -21.65 5.28
N LEU A 75 -3.64 -20.42 5.00
CA LEU A 75 -3.92 -19.99 3.64
C LEU A 75 -2.91 -18.95 3.23
N SER A 76 -2.68 -18.85 1.91
CA SER A 76 -1.75 -17.89 1.35
CA SER A 76 -1.76 -17.87 1.36
C SER A 76 -2.33 -17.17 0.14
N VAL A 77 -2.06 -15.87 0.04
CA VAL A 77 -2.34 -15.07 -1.16
C VAL A 77 -1.07 -14.28 -1.49
N THR A 78 -0.89 -13.94 -2.77
CA THR A 78 0.27 -13.14 -3.17
C THR A 78 -0.20 -11.85 -3.83
N LEU A 79 0.13 -10.72 -3.21
CA LEU A 79 -0.16 -9.42 -3.77
C LEU A 79 0.99 -8.99 -4.68
N ALA A 80 0.65 -8.33 -5.78
CA ALA A 80 1.64 -7.72 -6.66
C ALA A 80 1.60 -6.20 -6.48
N LEU A 81 2.77 -5.62 -6.20
CA LEU A 81 2.90 -4.17 -6.03
C LEU A 81 3.80 -3.57 -7.10
N ASP A 82 3.33 -2.45 -7.66
CA ASP A 82 4.08 -1.65 -8.61
C ASP A 82 5.11 -0.86 -7.82
N VAL A 83 6.39 -1.01 -8.17
CA VAL A 83 7.49 -0.37 -7.44
C VAL A 83 7.50 1.17 -7.54
N THR A 84 6.88 1.70 -8.60
CA THR A 84 6.88 3.14 -8.84
C THR A 84 5.97 3.88 -7.86
N ASN A 85 5.02 3.16 -7.26
CA ASN A 85 4.04 3.84 -6.40
C ASN A 85 3.52 2.99 -5.24
N ALA A 86 4.04 1.77 -5.12
CA ALA A 86 3.59 0.76 -4.12
C ALA A 86 2.12 0.31 -4.31
N TYR A 87 1.54 0.61 -5.47
CA TYR A 87 0.14 0.30 -5.77
C TYR A 87 -0.08 -1.21 -5.88
N VAL A 88 -1.09 -1.71 -5.17
CA VAL A 88 -1.48 -3.12 -5.25
C VAL A 88 -2.29 -3.28 -6.54
N VAL A 89 -1.68 -3.94 -7.54
CA VAL A 89 -2.28 -4.07 -8.88
C VAL A 89 -3.18 -5.31 -9.02
N GLY A 90 -3.01 -6.27 -8.12
CA GLY A 90 -3.76 -7.51 -8.17
C GLY A 90 -3.22 -8.54 -7.21
N TYR A 91 -3.80 -9.74 -7.25
CA TYR A 91 -3.36 -10.83 -6.39
C TYR A 91 -3.52 -12.21 -7.02
N ARG A 92 -2.78 -13.17 -6.48
CA ARG A 92 -2.91 -14.59 -6.82
C ARG A 92 -3.35 -15.37 -5.59
N ALA A 93 -4.34 -16.25 -5.77
CA ALA A 93 -4.66 -17.26 -4.77
C ALA A 93 -4.77 -18.59 -5.51
N GLY A 94 -3.80 -19.47 -5.27
CA GLY A 94 -3.76 -20.79 -5.91
C GLY A 94 -3.75 -20.71 -7.43
N ASN A 95 -4.83 -21.22 -8.04
CA ASN A 95 -4.98 -21.35 -9.49
CA ASN A 95 -4.93 -21.33 -9.49
C ASN A 95 -5.56 -20.14 -10.21
N SER A 96 -5.90 -19.09 -9.45
CA SER A 96 -6.50 -17.88 -10.01
C SER A 96 -5.75 -16.61 -9.63
N ALA A 97 -5.65 -15.69 -10.58
CA ALA A 97 -5.13 -14.34 -10.36
C ALA A 97 -6.14 -13.30 -10.80
N TYR A 98 -6.20 -12.20 -10.06
CA TYR A 98 -7.16 -11.14 -10.29
C TYR A 98 -6.44 -9.81 -10.30
N PHE A 99 -6.70 -9.00 -11.31
CA PHE A 99 -6.10 -7.67 -11.43
C PHE A 99 -7.18 -6.60 -11.49
N PHE A 100 -6.92 -5.48 -10.82
CA PHE A 100 -7.76 -4.30 -10.94
C PHE A 100 -7.74 -3.77 -12.36
N HIS A 101 -8.84 -3.15 -12.78
CA HIS A 101 -8.91 -2.50 -14.09
C HIS A 101 -7.79 -1.46 -14.18
N PRO A 102 -6.83 -1.66 -15.10
CA PRO A 102 -5.68 -0.75 -15.18
C PRO A 102 -6.06 0.66 -15.60
N ASP A 103 -5.38 1.63 -15.00
CA ASP A 103 -5.64 3.06 -15.19
C ASP A 103 -5.19 3.58 -16.57
N ASN A 104 -4.24 2.88 -17.19
CA ASN A 104 -3.71 3.23 -18.52
C ASN A 104 -3.16 2.02 -19.28
N GLN A 105 -2.82 2.24 -20.56
CA GLN A 105 -2.30 1.17 -21.44
C GLN A 105 -0.97 0.57 -20.97
N GLU A 106 -0.07 1.41 -20.47
CA GLU A 106 1.23 0.94 -19.95
C GLU A 106 1.04 0.00 -18.76
N ASP A 107 0.17 0.38 -17.82
CA ASP A 107 -0.11 -0.46 -16.66
C ASP A 107 -0.85 -1.75 -17.01
N ALA A 108 -1.68 -1.68 -18.06
CA ALA A 108 -2.34 -2.86 -18.64
C ALA A 108 -1.35 -3.84 -19.26
N GLU A 109 -0.37 -3.32 -20.00
CA GLU A 109 0.69 -4.16 -20.57
C GLU A 109 1.54 -4.78 -19.44
N ALA A 110 1.88 -3.97 -18.44
CA ALA A 110 2.74 -4.40 -17.34
C ALA A 110 2.21 -5.63 -16.59
N ILE A 111 0.90 -5.65 -16.31
CA ILE A 111 0.28 -6.77 -15.57
C ILE A 111 0.25 -8.11 -16.32
N THR A 112 0.43 -8.08 -17.64
CA THR A 112 0.58 -9.31 -18.44
C THR A 112 1.87 -10.07 -18.09
N HIS A 113 2.79 -9.39 -17.41
CA HIS A 113 4.06 -9.97 -16.96
C HIS A 113 3.98 -10.60 -15.57
N LEU A 114 2.79 -10.53 -14.96
CA LEU A 114 2.58 -11.05 -13.60
C LEU A 114 1.79 -12.34 -13.58
N PHE A 115 2.20 -13.24 -12.68
CA PHE A 115 1.56 -14.55 -12.45
C PHE A 115 1.29 -15.27 -13.77
N THR A 116 2.33 -15.36 -14.61
CA THR A 116 2.18 -15.83 -16.00
C THR A 116 1.81 -17.32 -16.12
N ASP A 117 2.16 -18.11 -15.11
CA ASP A 117 1.88 -19.55 -15.12
C ASP A 117 0.62 -19.96 -14.35
N VAL A 118 -0.16 -18.97 -13.92
CA VAL A 118 -1.45 -19.19 -13.28
C VAL A 118 -2.50 -19.61 -14.33
N GLN A 119 -3.32 -20.60 -13.97
CA GLN A 119 -4.30 -21.19 -14.90
C GLN A 119 -5.42 -20.25 -15.29
N ASN A 120 -5.90 -19.45 -14.33
CA ASN A 120 -7.03 -18.54 -14.54
C ASN A 120 -6.65 -17.09 -14.26
N ARG A 121 -6.70 -16.25 -15.29
CA ARG A 121 -6.37 -14.83 -15.19
C ARG A 121 -7.62 -13.99 -15.40
N TYR A 122 -7.91 -13.12 -14.44
CA TYR A 122 -9.04 -12.21 -14.55
C TYR A 122 -8.62 -10.77 -14.34
N THR A 123 -9.22 -9.88 -15.13
CA THR A 123 -9.15 -8.46 -14.85
C THR A 123 -10.54 -8.04 -14.39
N PHE A 124 -10.58 -7.48 -13.17
CA PHE A 124 -11.79 -6.84 -12.65
C PHE A 124 -12.21 -5.70 -13.57
N ALA A 125 -13.53 -5.51 -13.65
CA ALA A 125 -14.10 -4.39 -14.39
C ALA A 125 -14.01 -3.07 -13.65
N PHE A 126 -13.59 -3.13 -12.38
CA PHE A 126 -13.42 -1.94 -11.54
C PHE A 126 -11.96 -1.65 -11.24
N GLY A 127 -11.64 -0.37 -11.09
CA GLY A 127 -10.30 0.07 -10.69
C GLY A 127 -10.09 -0.14 -9.21
N GLY A 128 -8.84 -0.03 -8.78
CA GLY A 128 -8.45 -0.34 -7.40
C GLY A 128 -8.27 0.80 -6.42
N ASN A 129 -8.63 2.03 -6.80
CA ASN A 129 -8.53 3.17 -5.88
C ASN A 129 -9.54 3.06 -4.74
N TYR A 130 -9.23 3.73 -3.62
CA TYR A 130 -10.09 3.71 -2.42
C TYR A 130 -11.54 4.06 -2.74
N ASP A 131 -11.76 5.13 -3.50
CA ASP A 131 -13.13 5.60 -3.81
C ASP A 131 -14.01 4.50 -4.41
N ARG A 132 -13.47 3.79 -5.40
CA ARG A 132 -14.14 2.65 -6.03
C ARG A 132 -14.32 1.48 -5.06
N LEU A 133 -13.29 1.17 -4.29
CA LEU A 133 -13.34 0.05 -3.35
C LEU A 133 -14.30 0.30 -2.19
N GLU A 134 -14.37 1.55 -1.73
CA GLU A 134 -15.30 1.95 -0.67
C GLU A 134 -16.74 1.83 -1.13
N GLN A 135 -16.99 2.25 -2.38
CA GLN A 135 -18.30 2.09 -3.04
C GLN A 135 -18.75 0.63 -3.02
N LEU A 136 -17.86 -0.27 -3.44
CA LEU A 136 -18.15 -1.70 -3.49
C LEU A 136 -18.28 -2.34 -2.10
N ALA A 137 -17.46 -1.89 -1.15
CA ALA A 137 -17.51 -2.36 0.25
C ALA A 137 -18.77 -1.90 0.98
N GLY A 138 -19.35 -0.78 0.53
CA GLY A 138 -20.47 -0.14 1.24
C GLY A 138 -20.04 0.51 2.54
N ASN A 139 -18.73 0.68 2.70
CA ASN A 139 -18.14 1.33 3.86
C ASN A 139 -16.93 2.16 3.46
N LEU A 140 -16.76 3.29 4.13
CA LEU A 140 -15.58 4.13 3.96
C LEU A 140 -14.43 3.59 4.80
N ARG A 141 -13.20 3.98 4.46
CA ARG A 141 -12.03 3.62 5.25
C ARG A 141 -12.19 3.95 6.74
N GLU A 142 -12.79 5.11 7.05
CA GLU A 142 -13.01 5.53 8.45
C GLU A 142 -13.84 4.56 9.30
N ASN A 143 -14.54 3.64 8.64
CA ASN A 143 -15.38 2.64 9.32
C ASN A 143 -14.94 1.19 9.12
N ILE A 144 -13.75 1.00 8.53
CA ILE A 144 -13.20 -0.34 8.30
C ILE A 144 -12.05 -0.59 9.28
N GLU A 145 -12.23 -1.57 10.15
CA GLU A 145 -11.25 -1.85 11.19
C GLU A 145 -9.97 -2.45 10.60
N LEU A 146 -8.84 -2.00 11.14
CA LEU A 146 -7.51 -2.47 10.73
C LEU A 146 -6.82 -3.10 11.91
N GLY A 147 -5.84 -3.95 11.63
CA GLY A 147 -5.09 -4.66 12.66
C GLY A 147 -4.81 -6.07 12.21
N ASN A 148 -4.19 -6.85 13.08
CA ASN A 148 -3.80 -8.22 12.71
C ASN A 148 -4.98 -9.14 12.43
N GLY A 149 -6.04 -9.00 13.23
CA GLY A 149 -7.29 -9.75 13.04
C GLY A 149 -7.92 -9.44 11.70
N PRO A 150 -8.17 -8.15 11.39
CA PRO A 150 -8.67 -7.79 10.07
C PRO A 150 -7.82 -8.33 8.92
N LEU A 151 -6.50 -8.27 9.04
CA LEU A 151 -5.61 -8.77 7.98
C LEU A 151 -5.69 -10.29 7.82
N GLU A 152 -5.71 -11.02 8.95
CA GLU A 152 -5.91 -12.46 8.99
C GLU A 152 -7.17 -12.84 8.20
N GLU A 153 -8.27 -12.13 8.49
CA GLU A 153 -9.57 -12.37 7.87
C GLU A 153 -9.55 -11.97 6.40
N ALA A 154 -8.85 -10.88 6.08
CA ALA A 154 -8.74 -10.39 4.71
C ALA A 154 -8.02 -11.40 3.81
N ILE A 155 -6.99 -12.05 4.34
CA ILE A 155 -6.24 -13.07 3.60
C ILE A 155 -7.16 -14.24 3.24
N SER A 156 -7.93 -14.73 4.22
CA SER A 156 -8.93 -15.77 3.99
C SER A 156 -9.98 -15.36 2.95
N ALA A 157 -10.47 -14.12 3.04
CA ALA A 157 -11.48 -13.61 2.12
C ALA A 157 -10.97 -13.54 0.68
N LEU A 158 -9.73 -13.08 0.49
CA LEU A 158 -9.10 -13.07 -0.83
C LEU A 158 -8.90 -14.50 -1.35
N TYR A 159 -8.47 -15.40 -0.46
CA TYR A 159 -8.23 -16.79 -0.83
C TYR A 159 -9.50 -17.46 -1.39
N TYR A 160 -10.64 -17.23 -0.74
CA TYR A 160 -11.90 -17.92 -1.10
C TYR A 160 -12.76 -17.26 -2.18
N TYR A 161 -12.31 -16.13 -2.73
CA TYR A 161 -13.12 -15.39 -3.71
C TYR A 161 -13.51 -16.21 -4.95
N SER A 162 -12.53 -16.92 -5.51
CA SER A 162 -12.71 -17.66 -6.76
C SER A 162 -13.71 -18.81 -6.66
N THR A 163 -13.91 -19.33 -5.45
CA THR A 163 -14.82 -20.46 -5.22
C THR A 163 -16.21 -20.02 -4.72
N GLY A 164 -16.45 -18.72 -4.69
CA GLY A 164 -17.76 -18.18 -4.33
C GLY A 164 -18.02 -17.94 -2.85
N GLY A 165 -17.00 -18.18 -2.03
CA GLY A 165 -17.09 -17.99 -0.58
C GLY A 165 -17.14 -16.54 -0.11
N THR A 166 -16.65 -15.63 -0.97
CA THR A 166 -16.49 -14.22 -0.60
C THR A 166 -17.38 -13.33 -1.45
N GLN A 167 -18.28 -12.60 -0.80
CA GLN A 167 -19.11 -11.60 -1.46
C GLN A 167 -18.23 -10.41 -1.86
N LEU A 168 -18.63 -9.73 -2.94
CA LEU A 168 -17.89 -8.57 -3.43
C LEU A 168 -17.61 -7.47 -2.39
N PRO A 169 -18.62 -7.06 -1.57
CA PRO A 169 -18.33 -6.08 -0.53
C PRO A 169 -17.23 -6.52 0.47
N THR A 170 -17.23 -7.80 0.83
CA THR A 170 -16.20 -8.38 1.70
C THR A 170 -14.82 -8.37 1.03
N LEU A 171 -14.80 -8.68 -0.27
CA LEU A 171 -13.57 -8.64 -1.07
C LEU A 171 -12.97 -7.23 -1.11
N ALA A 172 -13.83 -6.24 -1.39
CA ALA A 172 -13.44 -4.83 -1.43
C ALA A 172 -12.88 -4.36 -0.10
N ARG A 173 -13.59 -4.69 0.99
CA ARG A 173 -13.15 -4.37 2.36
CA ARG A 173 -13.16 -4.38 2.36
C ARG A 173 -11.79 -5.00 2.63
N SER A 174 -11.61 -6.24 2.19
CA SER A 174 -10.37 -6.99 2.37
C SER A 174 -9.19 -6.37 1.62
N PHE A 175 -9.42 -5.89 0.40
CA PHE A 175 -8.42 -5.10 -0.33
C PHE A 175 -8.04 -3.84 0.43
N ILE A 176 -9.04 -3.12 0.94
CA ILE A 176 -8.85 -1.86 1.68
C ILE A 176 -7.95 -2.10 2.90
N ILE A 177 -8.17 -3.23 3.58
CA ILE A 177 -7.32 -3.63 4.71
C ILE A 177 -5.88 -3.87 4.26
N CYS A 178 -5.70 -4.72 3.25
CA CYS A 178 -4.36 -5.06 2.74
C CYS A 178 -3.57 -3.85 2.27
N ILE A 179 -4.24 -2.99 1.52
CA ILE A 179 -3.59 -1.80 0.94
C ILE A 179 -3.04 -0.90 2.04
N GLN A 180 -3.85 -0.66 3.07
CA GLN A 180 -3.40 0.22 4.15
C GLN A 180 -2.32 -0.40 5.02
N MET A 181 -2.43 -1.69 5.28
CA MET A 181 -1.49 -2.35 6.21
C MET A 181 -0.17 -2.70 5.55
N ILE A 182 -0.14 -2.65 4.23
CA ILE A 182 1.08 -2.97 3.47
C ILE A 182 1.59 -1.72 2.76
N SER A 183 0.85 -1.26 1.75
CA SER A 183 1.31 -0.13 0.94
C SER A 183 1.39 1.19 1.71
N GLU A 184 0.33 1.54 2.46
CA GLU A 184 0.36 2.80 3.21
C GLU A 184 1.38 2.77 4.33
N ALA A 185 1.53 1.62 4.98
CA ALA A 185 2.55 1.44 6.00
C ALA A 185 3.95 1.58 5.41
N ALA A 186 4.16 1.04 4.19
CA ALA A 186 5.44 1.22 3.49
C ALA A 186 5.70 2.69 3.17
N ARG A 187 4.66 3.39 2.72
CA ARG A 187 4.77 4.82 2.37
C ARG A 187 5.02 5.74 3.56
N PHE A 188 4.41 5.42 4.71
CA PHE A 188 4.41 6.34 5.85
C PHE A 188 4.88 5.63 7.11
N GLN A 189 6.01 6.05 7.69
CA GLN A 189 6.43 5.55 9.01
CA GLN A 189 6.42 5.53 8.99
C GLN A 189 5.32 5.72 10.03
N TYR A 190 4.59 6.84 9.93
CA TYR A 190 3.49 7.13 10.84
C TYR A 190 2.41 6.05 10.80
N ILE A 191 2.03 5.63 9.58
CA ILE A 191 1.00 4.61 9.41
C ILE A 191 1.52 3.24 9.85
N GLU A 192 2.78 2.95 9.52
CA GLU A 192 3.44 1.76 10.04
C GLU A 192 3.34 1.72 11.57
N GLY A 193 3.63 2.86 12.22
CA GLY A 193 3.56 3.00 13.68
C GLY A 193 2.17 2.72 14.23
N GLU A 194 1.15 3.23 13.53
CA GLU A 194 -0.24 2.99 13.92
C GLU A 194 -0.63 1.52 13.81
N MET A 195 -0.09 0.83 12.80
CA MET A 195 -0.31 -0.62 12.67
C MET A 195 0.47 -1.43 13.72
N ARG A 196 1.71 -1.01 14.00
CA ARG A 196 2.51 -1.62 15.09
C ARG A 196 1.74 -1.58 16.41
N THR A 197 1.15 -0.41 16.71
CA THR A 197 0.34 -0.23 17.92
C THR A 197 -0.82 -1.23 18.00
N ARG A 198 -1.58 -1.36 16.91
CA ARG A 198 -2.70 -2.31 16.83
C ARG A 198 -2.23 -3.74 17.07
N ILE A 199 -1.08 -4.09 16.52
CA ILE A 199 -0.51 -5.44 16.67
C ILE A 199 -0.04 -5.67 18.12
N ARG A 200 0.67 -4.69 18.69
CA ARG A 200 1.18 -4.79 20.06
C ARG A 200 0.10 -5.12 21.08
N TYR A 201 -1.08 -4.52 20.91
CA TYR A 201 -2.18 -4.71 21.87
C TYR A 201 -3.30 -5.62 21.36
N ASN A 202 -3.09 -6.20 20.17
CA ASN A 202 -4.09 -7.01 19.46
C ASN A 202 -5.48 -6.39 19.50
N ARG A 203 -5.53 -5.10 19.15
CA ARG A 203 -6.75 -4.32 19.19
C ARG A 203 -7.01 -3.74 17.82
N ARG A 204 -8.10 -4.21 17.21
CA ARG A 204 -8.52 -3.71 15.91
C ARG A 204 -9.31 -2.42 16.05
N SER A 205 -9.04 -1.49 15.14
CA SER A 205 -9.70 -0.20 15.10
C SER A 205 -9.59 0.39 13.70
N ALA A 206 -10.62 1.13 13.33
CA ALA A 206 -10.64 1.88 12.09
C ALA A 206 -9.60 3.01 12.15
N PRO A 207 -9.04 3.41 10.99
CA PRO A 207 -8.06 4.50 10.98
C PRO A 207 -8.66 5.85 11.35
N ASP A 208 -7.97 6.59 12.22
CA ASP A 208 -8.40 7.93 12.61
C ASP A 208 -8.11 8.96 11.49
N PRO A 209 -8.58 10.22 11.64
CA PRO A 209 -8.34 11.20 10.55
C PRO A 209 -6.88 11.48 10.19
N SER A 210 -5.94 11.32 11.15
CA SER A 210 -4.52 11.54 10.84
C SER A 210 -4.04 10.54 9.80
N VAL A 211 -4.50 9.29 9.92
CA VAL A 211 -4.17 8.24 8.97
C VAL A 211 -4.81 8.52 7.61
N ILE A 212 -6.13 8.77 7.62
CA ILE A 212 -6.89 9.01 6.40
C ILE A 212 -6.33 10.19 5.58
N THR A 213 -6.06 11.30 6.27
CA THR A 213 -5.59 12.50 5.57
C THR A 213 -4.18 12.31 5.00
N LEU A 214 -3.34 11.55 5.70
CA LEU A 214 -2.02 11.20 5.17
C LEU A 214 -2.15 10.38 3.89
N GLU A 215 -3.01 9.35 3.92
CA GLU A 215 -3.25 8.51 2.73
C GLU A 215 -3.73 9.36 1.57
N ASN A 216 -4.69 10.24 1.84
CA ASN A 216 -5.25 11.12 0.81
C ASN A 216 -4.28 12.14 0.24
N SER A 217 -3.22 12.42 0.99
CA SER A 217 -2.29 13.50 0.65
C SER A 217 -0.94 13.02 0.13
N TRP A 218 -0.76 11.71 -0.02
CA TRP A 218 0.57 11.17 -0.37
C TRP A 218 1.14 11.76 -1.68
N GLY A 219 0.33 11.78 -2.72
CA GLY A 219 0.73 12.34 -4.02
C GLY A 219 1.09 13.82 -3.92
N ARG A 220 0.23 14.57 -3.24
CA ARG A 220 0.42 16.01 -3.05
C ARG A 220 1.67 16.32 -2.20
N LEU A 221 1.85 15.57 -1.12
CA LEU A 221 3.03 15.73 -0.27
C LEU A 221 4.31 15.40 -1.05
N SER A 222 4.26 14.34 -1.84
CA SER A 222 5.39 13.96 -2.69
C SER A 222 5.76 15.09 -3.65
N THR A 223 4.76 15.65 -4.32
CA THR A 223 4.98 16.77 -5.23
C THR A 223 5.49 18.01 -4.50
N ALA A 224 4.86 18.37 -3.38
CA ALA A 224 5.24 19.56 -2.62
C ALA A 224 6.69 19.50 -2.13
N ILE A 225 7.11 18.33 -1.65
CA ILE A 225 8.49 18.14 -1.21
C ILE A 225 9.46 18.27 -2.38
N GLN A 226 9.15 17.59 -3.48
CA GLN A 226 10.04 17.55 -4.63
C GLN A 226 10.12 18.89 -5.38
N GLU A 227 9.04 19.66 -5.32
CA GLU A 227 9.00 20.98 -5.97
C GLU A 227 9.36 22.13 -5.04
N SER A 228 9.62 21.81 -3.77
CA SER A 228 9.90 22.80 -2.74
C SER A 228 11.14 23.64 -3.04
N ASN A 229 11.17 24.84 -2.47
CA ASN A 229 12.36 25.67 -2.52
C ASN A 229 13.21 25.39 -1.30
N GLN A 230 14.22 24.53 -1.47
CA GLN A 230 15.13 24.12 -0.39
C GLN A 230 14.39 23.48 0.80
N GLY A 231 13.23 22.86 0.51
CA GLY A 231 12.42 22.24 1.56
C GLY A 231 11.15 23.00 1.90
N ALA A 232 11.11 24.28 1.52
CA ALA A 232 9.98 25.15 1.85
C ALA A 232 8.87 25.03 0.80
N PHE A 233 7.66 24.71 1.25
CA PHE A 233 6.49 24.59 0.37
C PHE A 233 6.04 25.96 -0.12
N ALA A 234 5.66 26.06 -1.39
CA ALA A 234 5.05 27.28 -1.91
C ALA A 234 3.65 27.47 -1.34
N SER A 235 2.93 26.36 -1.22
CA SER A 235 1.58 26.33 -0.68
C SER A 235 1.56 25.35 0.49
N PRO A 236 0.97 25.77 1.63
CA PRO A 236 0.85 24.81 2.74
C PRO A 236 -0.13 23.68 2.44
N ILE A 237 0.11 22.52 3.06
CA ILE A 237 -0.79 21.38 2.93
C ILE A 237 -1.47 21.15 4.28
N GLN A 238 -2.80 21.03 4.25
CA GLN A 238 -3.56 20.80 5.47
C GLN A 238 -3.68 19.30 5.74
N LEU A 239 -3.21 18.90 6.90
CA LEU A 239 -3.42 17.54 7.39
C LEU A 239 -4.31 17.59 8.62
N GLN A 240 -4.67 16.43 9.16
CA GLN A 240 -5.47 16.37 10.39
C GLN A 240 -4.74 15.61 11.49
N ARG A 241 -5.00 16.03 12.72
CA ARG A 241 -4.54 15.31 13.92
C ARG A 241 -5.48 14.13 14.18
N ARG A 242 -5.12 13.30 15.17
CA ARG A 242 -5.95 12.16 15.60
C ARG A 242 -7.38 12.56 15.95
N ASN A 243 -7.53 13.73 16.57
CA ASN A 243 -8.85 14.26 16.97
C ASN A 243 -9.61 15.00 15.86
N GLY A 244 -9.03 15.04 14.66
CA GLY A 244 -9.67 15.67 13.50
C GLY A 244 -9.36 17.15 13.29
N SER A 245 -8.67 17.77 14.26
CA SER A 245 -8.27 19.17 14.14
C SER A 245 -7.22 19.33 13.04
N LYS A 246 -7.29 20.46 12.34
CA LYS A 246 -6.40 20.73 11.20
C LYS A 246 -5.10 21.38 11.65
N PHE A 247 -4.01 20.94 11.02
CA PHE A 247 -2.71 21.62 11.14
C PHE A 247 -2.08 21.74 9.75
N SER A 248 -1.25 22.77 9.59
CA SER A 248 -0.65 23.06 8.29
C SER A 248 0.80 22.58 8.25
N VAL A 249 1.16 22.02 7.09
CA VAL A 249 2.53 21.63 6.80
C VAL A 249 3.11 22.64 5.82
N TYR A 250 4.21 23.27 6.23
CA TYR A 250 4.86 24.33 5.45
C TYR A 250 6.20 23.91 4.88
N ASP A 251 6.72 22.78 5.36
CA ASP A 251 8.10 22.40 5.12
C ASP A 251 8.27 20.89 5.17
N VAL A 252 9.25 20.38 4.44
CA VAL A 252 9.62 18.97 4.46
C VAL A 252 10.06 18.48 5.86
N SER A 253 10.70 19.37 6.63
CA SER A 253 11.32 18.99 7.91
C SER A 253 10.40 18.18 8.82
N ILE A 254 9.16 18.67 8.98
CA ILE A 254 8.18 18.07 9.87
C ILE A 254 7.72 16.68 9.38
N LEU A 255 7.93 16.43 8.08
CA LEU A 255 7.49 15.20 7.43
C LEU A 255 8.53 14.09 7.41
N ILE A 256 9.78 14.43 7.71
CA ILE A 256 10.86 13.44 7.70
C ILE A 256 10.54 12.20 8.58
N PRO A 257 10.03 12.39 9.83
CA PRO A 257 9.64 11.22 10.63
C PRO A 257 8.31 10.56 10.24
N ILE A 258 7.58 11.17 9.30
CA ILE A 258 6.21 10.76 8.98
C ILE A 258 6.15 9.97 7.67
N ILE A 259 6.85 10.49 6.65
CA ILE A 259 6.81 9.86 5.33
CA ILE A 259 6.85 9.90 5.29
C ILE A 259 8.11 9.08 5.08
N ALA A 260 7.94 7.82 4.69
CA ALA A 260 9.07 6.91 4.46
C ALA A 260 9.50 6.83 3.01
N LEU A 261 8.55 6.99 2.09
CA LEU A 261 8.90 7.07 0.68
CA LEU A 261 8.76 6.88 0.63
C LEU A 261 7.92 7.91 -0.12
N MET A 262 8.43 8.45 -1.22
CA MET A 262 7.65 9.31 -2.10
C MET A 262 7.54 8.73 -3.50
N VAL A 263 6.43 9.01 -4.18
CA VAL A 263 6.32 8.73 -5.61
C VAL A 263 7.18 9.77 -6.36
N TYR A 264 7.86 9.33 -7.42
CA TYR A 264 8.64 10.23 -8.27
C TYR A 264 7.73 11.23 -9.00
N ARG A 265 8.01 12.52 -8.83
CA ARG A 265 7.17 13.59 -9.38
C ARG A 265 7.92 14.52 -10.32
N CYS A 266 9.19 14.75 -10.02
CA CYS A 266 10.09 15.56 -10.86
C CYS A 266 11.55 15.21 -10.57
N ALA A 267 12.45 15.70 -11.42
CA ALA A 267 13.89 15.56 -11.20
C ALA A 267 14.33 16.43 -10.01
N PRO A 268 15.32 15.96 -9.22
CA PRO A 268 15.82 16.85 -8.16
C PRO A 268 16.58 18.04 -8.76
N PRO A 269 16.41 19.24 -8.20
CA PRO A 269 17.14 20.43 -8.68
C PRO A 269 18.64 20.29 -8.40
N PRO A 270 19.51 20.95 -9.23
CA PRO A 270 20.97 20.91 -9.02
C PRO A 270 21.40 21.38 -7.63
N IEK B . -5.46 6.83 -2.56
C6 IEK B . -3.89 4.59 -2.56
C4 IEK B . -2.74 1.19 -3.42
C7 IEK B . -5.19 4.58 -3.10
C2 IEK B . -4.56 0.13 -4.58
N1 IEK B . -5.30 1.25 -4.42
CA IEK B . -6.16 8.13 -2.46
CAL IEK B . -6.03 5.71 -3.05
OAQ IEK B . -7.14 5.68 -3.57
N8 IEK B . -5.61 3.44 -3.71
C8A IEK B . -4.83 2.35 -3.81
N2 IEK B . -5.06 -0.93 -5.19
N3 IEK B . -3.27 0.07 -4.07
O4 IEK B . -1.60 1.12 -2.98
C4A IEK B . -3.53 2.34 -3.28
N5 IEK B . -3.08 3.44 -2.66
N IEK C . -1.34 6.84 -9.30
C IEK C . -0.65 9.09 -10.05
O IEK C . -0.87 8.62 -11.19
C6 IEK C . -4.01 4.59 -10.04
C4 IEK C . -3.27 1.29 -11.45
C7 IEK C . -2.73 5.02 -9.69
C2 IEK C . -0.87 0.99 -11.30
N1 IEK C . -0.75 2.21 -10.73
CD1 IEK C . -0.28 6.09 -6.31
CE1 IEK C . -0.75 5.46 -5.15
CZ IEK C . -1.35 6.22 -4.14
CE2 IEK C . -1.50 7.61 -4.29
CD2 IEK C . -1.03 8.23 -5.45
CG IEK C . -0.43 7.48 -6.47
CB IEK C . 0.09 8.16 -7.75
CA IEK C . -1.01 8.21 -8.83
OXT IEK C . -0.21 10.24 -9.83
CAL IEK C . -2.57 6.30 -9.13
OAQ IEK C . -3.52 6.91 -8.63
N8 IEK C . -1.67 4.21 -9.94
C8A IEK C . -1.83 2.99 -10.50
N2 IEK C . 0.19 0.23 -11.51
N3 IEK C . -2.14 0.50 -11.67
O4 IEK C . -4.37 0.86 -11.78
C4A IEK C . -3.11 2.55 -10.86
N5 IEK C . -4.18 3.33 -10.63
S SO4 D . 9.40 -11.15 18.66
O1 SO4 D . 10.87 -10.94 18.69
O2 SO4 D . 8.75 -10.15 19.54
O3 SO4 D . 8.94 -11.01 17.27
O4 SO4 D . 9.04 -12.50 19.18
S SO4 E . -13.09 2.73 -12.01
O1 SO4 E . -11.95 2.61 -12.96
O2 SO4 E . -12.61 3.25 -10.72
O3 SO4 E . -13.70 1.40 -11.82
O4 SO4 E . -14.10 3.66 -12.57
#